data_8BR7
#
_entry.id   8BR7
#
_cell.length_a   87.258
_cell.length_b   117.970
_cell.length_c   139.861
_cell.angle_alpha   90.000
_cell.angle_beta   90.000
_cell.angle_gamma   90.000
#
_symmetry.space_group_name_H-M   'I 2 2 2'
#
loop_
_entity.id
_entity.type
_entity.pdbx_description
1 polymer 'Interleukin-1 receptor-associated kinase 4'
2 non-polymer 3-nitro-~{N}-[2-[2-oxidanylidene-2-[4-(phenylcarbonyl)piperazin-1-yl]ethyl]indazol-5-yl]benzamide
3 water water
#
_entity_poly.entity_id   1
_entity_poly.type   'polypeptide(L)'
_entity_poly.pdbx_seq_one_letter_code
;GSFHSFSFYELKNVTNNFDERPISVGGNKMGEGGFGVVYKGYVNNTTVAVKKLAAMVDITTEELKQQFDQEIKVMAKCQH
ENLVELLGFSSDGDDLCLVYVYMPNGSLLDRLSCLDGTPPLSWHMRCKIAQGAANGINFLHENHHIHRDIKSANILLDEA
FTAKISDFGLARASEKFAQTVM(TPO)(SEP)RIVGTTAYMAPEALRGEITPKSDIYSFGVVLLEIITGLPAVDEHREPQ
LLLDIAAAIEDEEKTIEDYIDKKMNDADSTSVEAMYSVASQCLHEKKNKRPDIKKVQQLLQEMTAS
;
_entity_poly.pdbx_strand_id   AAA,BBB
#
loop_
_chem_comp.id
_chem_comp.type
_chem_comp.name
_chem_comp.formula
R6R non-polymer 3-nitro-~{N}-[2-[2-oxidanylidene-2-[4-(phenylcarbonyl)piperazin-1-yl]ethyl]indazol-5-yl]benzamide 'C27 H24 N6 O5 2'
#
# COMPACT_ATOMS: atom_id res chain seq x y z
N PHE A 3 5.21 -23.86 -6.84
CA PHE A 3 6.52 -23.95 -7.56
C PHE A 3 6.28 -24.24 -9.04
N HIS A 4 7.35 -24.20 -9.84
CA HIS A 4 7.39 -24.43 -11.31
C HIS A 4 8.85 -24.36 -11.77
N SER A 5 9.16 -24.87 -12.97
CA SER A 5 10.51 -24.88 -13.58
C SER A 5 10.50 -24.05 -14.87
N PHE A 6 10.89 -22.77 -14.77
CA PHE A 6 10.98 -21.81 -15.90
C PHE A 6 12.23 -22.10 -16.72
N SER A 7 12.13 -21.93 -18.05
CA SER A 7 13.26 -21.97 -19.02
C SER A 7 14.05 -20.67 -18.92
N PHE A 8 15.38 -20.73 -18.97
CA PHE A 8 16.30 -19.56 -18.92
C PHE A 8 15.90 -18.57 -20.02
N TYR A 9 15.51 -19.07 -21.20
CA TYR A 9 15.17 -18.27 -22.40
C TYR A 9 13.86 -17.51 -22.19
N GLU A 10 12.88 -18.14 -21.51
CA GLU A 10 11.59 -17.50 -21.13
C GLU A 10 11.87 -16.33 -20.19
N LEU A 11 12.59 -16.60 -19.08
CA LEU A 11 13.01 -15.56 -18.12
C LEU A 11 13.78 -14.47 -18.88
N LYS A 12 14.77 -14.87 -19.68
CA LYS A 12 15.55 -13.94 -20.55
C LYS A 12 14.58 -13.10 -21.39
N ASN A 13 13.56 -13.74 -21.98
CA ASN A 13 12.58 -13.08 -22.88
C ASN A 13 11.79 -12.03 -22.08
N VAL A 14 11.32 -12.38 -20.88
CA VAL A 14 10.40 -11.52 -20.06
C VAL A 14 11.21 -10.49 -19.27
N THR A 15 12.54 -10.52 -19.35
CA THR A 15 13.47 -9.56 -18.67
C THR A 15 14.20 -8.69 -19.70
N ASN A 16 13.73 -8.67 -20.96
CA ASN A 16 14.40 -8.01 -22.11
C ASN A 16 15.90 -8.37 -22.08
N ASN A 17 16.20 -9.67 -22.13
CA ASN A 17 17.58 -10.24 -22.12
C ASN A 17 18.28 -9.82 -20.82
N PHE A 18 17.56 -9.85 -19.70
CA PHE A 18 18.07 -9.41 -18.37
C PHE A 18 18.73 -8.04 -18.53
N ASP A 19 17.99 -7.08 -19.10
CA ASP A 19 18.42 -5.68 -19.29
C ASP A 19 18.93 -5.14 -17.94
N GLU A 20 20.25 -4.95 -17.80
CA GLU A 20 20.88 -4.40 -16.57
C GLU A 20 20.81 -2.86 -16.63
N ARG A 21 19.60 -2.32 -16.64
CA ARG A 21 19.30 -0.86 -16.73
C ARG A 21 17.92 -0.61 -16.11
N PRO A 22 17.78 0.33 -15.15
CA PRO A 22 16.50 0.54 -14.44
C PRO A 22 15.43 1.23 -15.30
N ILE A 23 14.26 1.48 -14.70
CA ILE A 23 13.12 2.18 -15.36
C ILE A 23 12.58 3.25 -14.40
N ASN A 28 14.64 -2.61 -16.86
CA ASN A 28 13.98 -3.83 -16.29
C ASN A 28 14.66 -4.27 -14.98
N LYS A 29 15.86 -3.76 -14.69
CA LYS A 29 16.56 -3.97 -13.39
C LYS A 29 15.83 -3.16 -12.30
N MET A 30 15.93 -3.60 -11.05
CA MET A 30 15.21 -2.97 -9.90
C MET A 30 16.02 -3.02 -8.60
N GLY A 31 17.09 -3.82 -8.52
CA GLY A 31 17.99 -3.85 -7.36
C GLY A 31 19.12 -4.84 -7.54
N GLU A 32 20.19 -4.71 -6.76
CA GLU A 32 21.40 -5.56 -6.86
C GLU A 32 22.02 -5.75 -5.46
N GLY A 33 22.05 -7.00 -4.99
CA GLY A 33 22.86 -7.43 -3.82
C GLY A 33 24.20 -7.99 -4.28
N GLY A 34 24.96 -8.60 -3.37
CA GLY A 34 26.25 -9.23 -3.67
C GLY A 34 26.09 -10.58 -4.36
N PHE A 35 24.90 -11.18 -4.23
CA PHE A 35 24.60 -12.60 -4.62
C PHE A 35 23.95 -12.66 -6.00
N GLY A 36 23.48 -11.51 -6.52
CA GLY A 36 22.88 -11.43 -7.86
C GLY A 36 22.23 -10.08 -8.13
N VAL A 37 21.63 -9.93 -9.30
CA VAL A 37 20.83 -8.74 -9.74
C VAL A 37 19.35 -9.16 -9.77
N VAL A 38 18.44 -8.22 -9.56
CA VAL A 38 16.97 -8.45 -9.60
C VAL A 38 16.37 -7.65 -10.76
N TYR A 39 15.58 -8.31 -11.60
CA TYR A 39 14.93 -7.75 -12.81
C TYR A 39 13.40 -7.91 -12.69
N LYS A 40 12.65 -6.98 -13.28
CA LYS A 40 11.17 -7.07 -13.40
C LYS A 40 10.83 -7.96 -14.60
N GLY A 41 9.81 -8.81 -14.45
CA GLY A 41 9.33 -9.72 -15.51
C GLY A 41 7.82 -9.87 -15.47
N TYR A 42 7.25 -10.35 -16.57
CA TYR A 42 5.81 -10.72 -16.69
C TYR A 42 5.73 -12.16 -17.21
N VAL A 43 4.99 -13.02 -16.51
CA VAL A 43 4.74 -14.45 -16.90
C VAL A 43 3.41 -14.89 -16.29
N ASN A 44 2.59 -15.62 -17.07
CA ASN A 44 1.27 -16.18 -16.67
C ASN A 44 0.34 -15.04 -16.24
N ASN A 45 0.47 -13.84 -16.84
CA ASN A 45 -0.23 -12.59 -16.45
C ASN A 45 0.03 -12.31 -14.96
N THR A 46 1.31 -12.37 -14.55
CA THR A 46 1.80 -12.13 -13.17
C THR A 46 3.11 -11.36 -13.25
N THR A 47 3.15 -10.10 -12.79
CA THR A 47 4.41 -9.34 -12.59
C THR A 47 5.24 -10.11 -11.55
N VAL A 48 6.49 -10.40 -11.87
CA VAL A 48 7.38 -11.23 -11.03
C VAL A 48 8.73 -10.51 -10.88
N ALA A 49 9.53 -10.94 -9.91
CA ALA A 49 10.94 -10.55 -9.73
C ALA A 49 11.80 -11.75 -10.13
N VAL A 50 12.90 -11.50 -10.84
CA VAL A 50 13.81 -12.56 -11.37
C VAL A 50 15.23 -12.28 -10.84
N LYS A 51 15.68 -13.11 -9.90
CA LYS A 51 17.02 -13.01 -9.26
C LYS A 51 17.97 -13.93 -10.03
N LYS A 52 18.88 -13.35 -10.82
CA LYS A 52 19.94 -14.10 -11.55
C LYS A 52 21.20 -14.13 -10.67
N LEU A 53 21.74 -15.32 -10.41
CA LEU A 53 22.90 -15.55 -9.51
C LEU A 53 24.16 -15.80 -10.35
N THR A 61 32.46 -20.41 -5.37
CA THR A 61 31.60 -20.39 -6.59
C THR A 61 30.40 -21.31 -6.39
N GLU A 62 30.63 -22.54 -5.89
CA GLU A 62 29.56 -23.47 -5.47
C GLU A 62 28.85 -22.86 -4.26
N GLU A 63 29.54 -21.99 -3.52
CA GLU A 63 28.96 -21.08 -2.48
C GLU A 63 27.64 -20.50 -3.03
N LEU A 64 27.68 -19.94 -4.24
CA LEU A 64 26.51 -19.32 -4.93
C LEU A 64 25.44 -20.39 -5.20
N LYS A 65 25.84 -21.60 -5.61
CA LYS A 65 24.93 -22.73 -5.94
C LYS A 65 24.25 -23.24 -4.66
N GLN A 66 24.92 -23.11 -3.51
CA GLN A 66 24.34 -23.43 -2.18
C GLN A 66 23.23 -22.42 -1.87
N GLN A 67 23.53 -21.12 -2.02
CA GLN A 67 22.60 -19.99 -1.74
C GLN A 67 21.32 -20.14 -2.56
N PHE A 68 21.42 -20.72 -3.77
CA PHE A 68 20.27 -21.06 -4.66
C PHE A 68 19.41 -22.15 -4.01
N ASP A 69 20.03 -23.28 -3.65
CA ASP A 69 19.35 -24.46 -3.05
C ASP A 69 18.95 -24.15 -1.59
N GLN A 70 19.79 -23.37 -0.88
CA GLN A 70 19.47 -22.81 0.45
C GLN A 70 18.18 -21.99 0.36
N GLU A 71 18.07 -21.15 -0.68
CA GLU A 71 16.86 -20.34 -0.98
C GLU A 71 15.68 -21.29 -1.26
N ILE A 72 15.88 -22.28 -2.15
CA ILE A 72 14.82 -23.27 -2.54
C ILE A 72 14.45 -24.09 -1.29
N LYS A 73 15.44 -24.74 -0.66
CA LYS A 73 15.23 -25.65 0.50
C LYS A 73 14.38 -24.94 1.56
N VAL A 74 14.80 -23.73 1.97
CA VAL A 74 14.09 -22.90 2.99
C VAL A 74 12.73 -22.46 2.43
N MET A 75 12.68 -22.03 1.17
CA MET A 75 11.44 -21.53 0.51
C MET A 75 10.52 -22.70 0.15
N ALA A 76 11.05 -23.93 0.12
CA ALA A 76 10.27 -25.17 -0.08
C ALA A 76 9.43 -25.47 1.17
N LYS A 77 9.91 -25.05 2.35
CA LYS A 77 9.38 -25.46 3.67
C LYS A 77 9.15 -24.24 4.58
N CYS A 78 8.96 -23.04 4.01
CA CYS A 78 8.72 -21.78 4.77
C CYS A 78 7.80 -20.84 3.98
N GLN A 79 6.48 -21.05 4.09
CA GLN A 79 5.45 -20.11 3.58
C GLN A 79 4.76 -19.45 4.78
N HIS A 80 4.82 -18.13 4.83
CA HIS A 80 4.25 -17.26 5.89
C HIS A 80 3.90 -15.92 5.24
N GLU A 81 3.00 -15.16 5.85
CA GLU A 81 2.45 -13.90 5.28
C GLU A 81 3.54 -12.81 5.28
N ASN A 82 4.61 -13.01 6.04
CA ASN A 82 5.69 -12.02 6.29
C ASN A 82 7.01 -12.54 5.69
N LEU A 83 6.93 -13.51 4.79
CA LEU A 83 8.06 -13.98 3.96
C LEU A 83 7.65 -13.87 2.48
N VAL A 84 8.60 -13.51 1.62
CA VAL A 84 8.39 -13.47 0.15
C VAL A 84 8.02 -14.88 -0.32
N GLU A 85 7.36 -14.98 -1.47
CA GLU A 85 6.93 -16.27 -2.06
C GLU A 85 7.76 -16.53 -3.32
N LEU A 86 8.36 -17.73 -3.39
CA LEU A 86 9.14 -18.22 -4.57
C LEU A 86 8.18 -18.97 -5.48
N LEU A 87 8.15 -18.64 -6.77
CA LEU A 87 7.25 -19.23 -7.78
C LEU A 87 7.98 -20.31 -8.57
N GLY A 88 9.31 -20.22 -8.70
CA GLY A 88 10.10 -21.16 -9.52
C GLY A 88 11.57 -20.81 -9.61
N PHE A 89 12.26 -21.44 -10.55
CA PHE A 89 13.74 -21.51 -10.66
C PHE A 89 14.14 -21.79 -12.12
N SER A 90 15.44 -21.75 -12.44
CA SER A 90 15.98 -22.06 -13.79
C SER A 90 17.49 -22.29 -13.73
N ASP A 95 23.77 -20.16 -15.41
CA ASP A 95 23.08 -18.97 -14.84
C ASP A 95 21.83 -19.42 -14.06
N LEU A 96 21.95 -19.52 -12.74
CA LEU A 96 20.84 -19.94 -11.83
C LEU A 96 19.92 -18.75 -11.57
N CYS A 97 18.61 -18.94 -11.79
CA CYS A 97 17.54 -17.90 -11.68
C CYS A 97 16.44 -18.35 -10.72
N LEU A 98 16.10 -17.49 -9.76
CA LEU A 98 14.97 -17.64 -8.81
C LEU A 98 13.86 -16.65 -9.18
N VAL A 99 12.60 -17.09 -9.18
CA VAL A 99 11.42 -16.26 -9.55
C VAL A 99 10.54 -16.06 -8.31
N TYR A 100 10.13 -14.83 -8.04
CA TYR A 100 9.29 -14.45 -6.87
C TYR A 100 8.06 -13.67 -7.34
N VAL A 101 7.05 -13.61 -6.48
CA VAL A 101 5.93 -12.63 -6.59
C VAL A 101 6.56 -11.23 -6.44
N TYR A 102 6.20 -10.32 -7.35
CA TYR A 102 6.66 -8.92 -7.39
C TYR A 102 6.13 -8.19 -6.16
N MET A 103 6.99 -7.40 -5.51
CA MET A 103 6.61 -6.55 -4.36
C MET A 103 6.56 -5.11 -4.86
N PRO A 104 5.38 -4.60 -5.27
CA PRO A 104 5.29 -3.33 -5.98
C PRO A 104 5.93 -2.15 -5.23
N ASN A 105 6.00 -2.21 -3.89
CA ASN A 105 6.45 -1.09 -3.03
C ASN A 105 7.89 -1.32 -2.57
N GLY A 106 8.60 -2.24 -3.21
CA GLY A 106 10.07 -2.42 -3.08
C GLY A 106 10.46 -2.74 -1.65
N SER A 107 11.61 -2.19 -1.22
CA SER A 107 12.26 -2.45 0.07
C SER A 107 11.89 -1.35 1.08
N LEU A 108 11.90 -1.69 2.37
CA LEU A 108 11.74 -0.72 3.49
C LEU A 108 12.83 0.36 3.38
N LEU A 109 14.06 -0.02 2.99
CA LEU A 109 15.22 0.91 2.82
C LEU A 109 14.84 2.03 1.85
N ASP A 110 14.36 1.67 0.66
CA ASP A 110 14.01 2.62 -0.44
C ASP A 110 12.80 3.47 -0.04
N ARG A 111 11.87 2.93 0.75
CA ARG A 111 10.67 3.69 1.19
C ARG A 111 11.02 4.59 2.37
N LEU A 112 11.97 4.20 3.22
CA LEU A 112 12.45 5.06 4.33
C LEU A 112 13.20 6.26 3.75
N SER A 113 13.90 6.05 2.64
CA SER A 113 14.73 7.07 1.95
C SER A 113 13.86 7.85 0.95
N CYS A 114 12.63 7.38 0.72
CA CYS A 114 11.64 8.01 -0.22
C CYS A 114 12.23 8.06 -1.63
N LEU A 115 12.99 7.03 -2.01
CA LEU A 115 13.63 6.89 -3.36
C LEU A 115 12.53 6.98 -4.43
N ASP A 116 12.83 7.66 -5.54
CA ASP A 116 11.92 7.84 -6.72
C ASP A 116 10.75 8.75 -6.37
N GLY A 117 10.74 9.36 -5.18
CA GLY A 117 9.76 10.39 -4.79
C GLY A 117 8.51 9.81 -4.16
N THR A 118 8.56 8.63 -3.56
CA THR A 118 7.41 8.02 -2.84
C THR A 118 7.17 8.80 -1.55
N PRO A 119 5.92 8.86 -1.06
CA PRO A 119 5.61 9.62 0.15
C PRO A 119 6.23 9.00 1.40
N PRO A 120 6.71 9.82 2.35
CA PRO A 120 7.19 9.31 3.63
C PRO A 120 6.16 8.38 4.28
N LEU A 121 6.61 7.23 4.79
CA LEU A 121 5.78 6.26 5.55
C LEU A 121 5.34 6.91 6.86
N SER A 122 4.04 6.83 7.16
CA SER A 122 3.44 7.28 8.43
C SER A 122 3.95 6.39 9.58
N TRP A 123 4.01 6.92 10.79
CA TRP A 123 4.34 6.15 12.02
C TRP A 123 3.43 4.92 12.10
N HIS A 124 2.15 5.09 11.76
CA HIS A 124 1.13 4.00 11.75
C HIS A 124 1.62 2.85 10.86
N MET A 125 2.02 3.14 9.61
CA MET A 125 2.51 2.10 8.67
C MET A 125 3.84 1.51 9.19
N ARG A 126 4.73 2.36 9.72
CA ARG A 126 6.05 1.95 10.27
C ARG A 126 5.83 0.90 11.38
N CYS A 127 4.87 1.14 12.27
CA CYS A 127 4.53 0.22 13.39
C CYS A 127 4.02 -1.11 12.83
N LYS A 128 3.20 -1.07 11.79
CA LYS A 128 2.65 -2.29 11.11
C LYS A 128 3.81 -3.05 10.47
N ILE A 129 4.75 -2.34 9.81
CA ILE A 129 5.88 -2.98 9.06
C ILE A 129 6.80 -3.69 10.05
N ALA A 130 7.02 -3.10 11.24
CA ALA A 130 7.92 -3.64 12.29
C ALA A 130 7.35 -4.94 12.86
N GLN A 131 6.03 -4.99 13.12
CA GLN A 131 5.33 -6.20 13.64
C GLN A 131 5.37 -7.30 12.59
N GLY A 132 4.94 -6.99 11.36
CA GLY A 132 5.06 -7.90 10.20
C GLY A 132 6.45 -8.53 10.12
N ALA A 133 7.49 -7.69 10.14
CA ALA A 133 8.90 -8.10 10.00
C ALA A 133 9.30 -9.06 11.15
N ALA A 134 8.92 -8.71 12.39
CA ALA A 134 9.13 -9.55 13.59
C ALA A 134 8.45 -10.92 13.42
N ASN A 135 7.23 -10.94 12.89
CA ASN A 135 6.43 -12.19 12.70
C ASN A 135 7.12 -13.11 11.69
N GLY A 136 7.67 -12.55 10.60
CA GLY A 136 8.43 -13.28 9.58
C GLY A 136 9.71 -13.89 10.15
N ILE A 137 10.41 -13.14 11.02
CA ILE A 137 11.63 -13.65 11.72
C ILE A 137 11.18 -14.74 12.70
N ASN A 138 10.05 -14.52 13.39
CA ASN A 138 9.52 -15.50 14.39
C ASN A 138 9.28 -16.84 13.71
N PHE A 139 8.63 -16.84 12.55
CA PHE A 139 8.34 -18.06 11.74
C PHE A 139 9.66 -18.74 11.36
N LEU A 140 10.67 -17.96 10.98
CA LEU A 140 11.99 -18.49 10.54
C LEU A 140 12.65 -19.22 11.71
N HIS A 141 12.72 -18.56 12.87
CA HIS A 141 13.39 -19.03 14.11
C HIS A 141 12.64 -20.24 14.68
N GLU A 142 11.30 -20.23 14.67
CA GLU A 142 10.44 -21.37 15.10
C GLU A 142 10.72 -22.61 14.24
N ASN A 143 11.06 -22.40 12.95
CA ASN A 143 11.42 -23.49 11.99
C ASN A 143 12.95 -23.60 11.90
N HIS A 144 13.66 -23.28 12.98
CA HIS A 144 15.10 -23.55 13.18
C HIS A 144 15.92 -23.05 11.98
N HIS A 145 15.66 -21.81 11.54
CA HIS A 145 16.45 -21.10 10.51
C HIS A 145 16.99 -19.79 11.10
N ILE A 146 18.24 -19.47 10.81
CA ILE A 146 18.89 -18.15 11.08
C ILE A 146 19.05 -17.46 9.73
N HIS A 147 18.54 -16.23 9.60
CA HIS A 147 18.52 -15.48 8.32
C HIS A 147 19.96 -15.08 7.95
N ARG A 148 20.65 -14.39 8.87
CA ARG A 148 22.10 -14.01 8.78
C ARG A 148 22.29 -12.69 8.01
N ASP A 149 21.25 -12.10 7.44
CA ASP A 149 21.36 -10.82 6.69
C ASP A 149 20.07 -10.00 6.84
N ILE A 150 19.61 -9.83 8.08
CA ILE A 150 18.43 -8.99 8.41
C ILE A 150 18.84 -7.52 8.20
N LYS A 151 18.12 -6.81 7.33
CA LYS A 151 18.39 -5.39 6.99
C LYS A 151 17.18 -4.82 6.24
N SER A 152 17.03 -3.50 6.27
CA SER A 152 15.90 -2.77 5.63
C SER A 152 15.78 -3.18 4.15
N ALA A 153 16.91 -3.45 3.47
CA ALA A 153 16.94 -3.80 2.03
C ALA A 153 16.32 -5.18 1.81
N ASN A 154 16.32 -6.04 2.83
CA ASN A 154 15.79 -7.43 2.77
C ASN A 154 14.39 -7.53 3.41
N ILE A 155 13.78 -6.40 3.76
CA ILE A 155 12.34 -6.32 4.16
C ILE A 155 11.60 -5.64 3.02
N LEU A 156 10.78 -6.40 2.31
CA LEU A 156 10.06 -5.94 1.10
C LEU A 156 8.60 -5.67 1.44
N LEU A 157 7.93 -4.90 0.59
CA LEU A 157 6.58 -4.33 0.85
C LEU A 157 5.68 -4.62 -0.34
N ASP A 158 4.59 -5.34 -0.07
CA ASP A 158 3.60 -5.80 -1.08
C ASP A 158 2.62 -4.65 -1.35
N GLU A 159 1.54 -4.96 -2.06
CA GLU A 159 0.47 -4.02 -2.50
C GLU A 159 -0.25 -3.40 -1.28
N ALA A 160 -0.11 -3.95 -0.08
CA ALA A 160 -0.77 -3.44 1.15
C ALA A 160 0.28 -2.96 2.16
N PHE A 161 1.55 -2.88 1.74
CA PHE A 161 2.72 -2.54 2.59
C PHE A 161 2.83 -3.55 3.75
N THR A 162 2.50 -4.81 3.47
CA THR A 162 2.77 -5.96 4.38
C THR A 162 4.27 -6.25 4.26
N ALA A 163 4.98 -6.26 5.39
CA ALA A 163 6.43 -6.53 5.47
C ALA A 163 6.68 -7.96 4.99
N LYS A 164 7.67 -8.17 4.12
CA LYS A 164 8.02 -9.51 3.56
C LYS A 164 9.54 -9.68 3.60
N ILE A 165 10.04 -10.54 4.48
CA ILE A 165 11.50 -10.86 4.57
C ILE A 165 11.90 -11.66 3.32
N SER A 166 13.00 -11.25 2.71
CA SER A 166 13.60 -11.87 1.49
C SER A 166 15.03 -12.32 1.82
N ASP A 167 15.67 -12.99 0.85
CA ASP A 167 17.12 -13.32 0.80
C ASP A 167 17.47 -14.27 1.96
N PHE A 168 16.96 -15.51 1.88
CA PHE A 168 17.23 -16.62 2.84
C PHE A 168 18.46 -17.40 2.40
N GLY A 169 19.13 -16.95 1.33
CA GLY A 169 20.52 -17.31 1.03
C GLY A 169 21.44 -16.89 2.16
N LEU A 170 22.44 -17.71 2.48
CA LEU A 170 23.38 -17.56 3.64
C LEU A 170 22.67 -17.91 4.95
N ALA A 171 21.43 -18.41 4.90
CA ALA A 171 20.71 -18.92 6.09
C ALA A 171 21.32 -20.27 6.49
N ARG A 172 21.05 -20.72 7.73
CA ARG A 172 21.64 -21.96 8.29
C ARG A 172 20.70 -22.51 9.38
N ALA A 173 20.67 -23.83 9.55
CA ALA A 173 19.87 -24.56 10.56
C ALA A 173 20.33 -24.16 11.97
N SER A 174 19.38 -23.92 12.89
CA SER A 174 19.63 -23.45 14.29
C SER A 174 19.56 -24.65 15.24
N VAL A 181 28.10 -22.35 17.26
CA VAL A 181 28.67 -22.69 15.91
C VAL A 181 29.53 -21.50 15.45
N MET A 182 30.63 -21.80 14.75
CA MET A 182 31.51 -20.78 14.11
C MET A 182 31.76 -21.17 12.66
N TPO A 183 32.01 -20.14 11.83
CA TPO A 183 32.33 -20.29 10.42
CB TPO A 183 31.15 -19.86 9.54
CG2 TPO A 183 31.00 -18.36 9.44
OG1 TPO A 183 31.37 -20.38 8.19
P TPO A 183 30.72 -21.76 7.68
O1P TPO A 183 29.33 -21.42 7.19
O2P TPO A 183 31.64 -22.26 6.57
O3P TPO A 183 30.71 -22.69 8.89
C TPO A 183 33.60 -19.49 10.14
O TPO A 183 33.92 -18.56 10.89
N SEP A 184 34.29 -19.85 9.06
CA SEP A 184 35.49 -19.13 8.63
CB SEP A 184 36.54 -20.12 8.18
OG SEP A 184 35.92 -21.03 7.24
C SEP A 184 35.15 -18.12 7.54
O SEP A 184 36.00 -17.32 7.16
P SEP A 184 36.83 -22.20 6.59
O1P SEP A 184 35.84 -23.16 5.93
O2P SEP A 184 37.74 -21.50 5.59
O3P SEP A 184 37.58 -22.82 7.75
N ARG A 185 33.90 -18.18 7.03
CA ARG A 185 33.45 -17.28 5.98
C ARG A 185 32.40 -16.33 6.57
N ILE A 186 32.85 -15.24 7.20
CA ILE A 186 31.96 -14.24 7.87
C ILE A 186 31.18 -13.51 6.76
N VAL A 187 29.85 -13.64 6.78
CA VAL A 187 28.91 -13.07 5.77
C VAL A 187 27.83 -12.24 6.47
N GLY A 188 27.12 -11.41 5.71
CA GLY A 188 26.15 -10.42 6.22
C GLY A 188 26.57 -8.99 5.89
N THR A 189 25.88 -7.99 6.45
CA THR A 189 26.08 -6.55 6.16
C THR A 189 26.60 -5.85 7.41
N THR A 190 27.84 -5.35 7.34
CA THR A 190 28.64 -4.85 8.49
C THR A 190 27.78 -3.97 9.41
N ALA A 191 27.13 -2.95 8.83
CA ALA A 191 26.43 -1.87 9.57
C ALA A 191 25.28 -2.44 10.40
N TYR A 192 24.87 -3.68 10.15
CA TYR A 192 23.73 -4.39 10.79
C TYR A 192 24.20 -5.55 11.67
N MET A 193 25.44 -6.02 11.50
CA MET A 193 25.87 -7.34 12.05
C MET A 193 26.19 -7.20 13.53
N ALA A 194 25.77 -8.18 14.33
CA ALA A 194 26.14 -8.33 15.75
C ALA A 194 27.66 -8.48 15.86
N PRO A 195 28.22 -8.19 17.05
CA PRO A 195 29.64 -8.42 17.32
C PRO A 195 30.05 -9.88 17.11
N GLU A 196 29.27 -10.83 17.65
CA GLU A 196 29.58 -12.28 17.62
C GLU A 196 29.52 -12.79 16.18
N ALA A 197 28.63 -12.24 15.35
CA ALA A 197 28.46 -12.60 13.93
C ALA A 197 29.67 -12.11 13.12
N LEU A 198 30.21 -10.94 13.45
CA LEU A 198 31.45 -10.40 12.84
C LEU A 198 32.66 -11.29 13.19
N ARG A 199 32.55 -12.14 14.22
CA ARG A 199 33.64 -13.09 14.62
C ARG A 199 33.27 -14.53 14.24
N GLY A 200 32.35 -14.73 13.30
CA GLY A 200 32.08 -16.05 12.68
C GLY A 200 31.02 -16.86 13.42
N GLU A 201 30.59 -16.42 14.60
CA GLU A 201 29.51 -17.08 15.38
C GLU A 201 28.22 -17.06 14.55
N ILE A 202 27.36 -18.06 14.74
CA ILE A 202 26.09 -18.22 13.97
C ILE A 202 24.99 -18.60 14.97
N THR A 203 24.29 -17.60 15.51
CA THR A 203 23.20 -17.76 16.50
C THR A 203 21.99 -16.92 16.09
N PRO A 204 20.75 -17.40 16.32
CA PRO A 204 19.55 -16.62 16.05
C PRO A 204 19.55 -15.24 16.74
N LYS A 205 20.34 -15.07 17.80
CA LYS A 205 20.46 -13.78 18.54
C LYS A 205 21.16 -12.72 17.68
N SER A 206 21.89 -13.13 16.64
CA SER A 206 22.48 -12.23 15.61
C SER A 206 21.35 -11.57 14.80
N ASP A 207 20.32 -12.34 14.42
CA ASP A 207 19.13 -11.83 13.71
C ASP A 207 18.47 -10.73 14.56
N ILE A 208 18.40 -10.93 15.88
CA ILE A 208 17.76 -10.00 16.85
C ILE A 208 18.49 -8.64 16.78
N TYR A 209 19.82 -8.66 16.91
CA TYR A 209 20.68 -7.44 16.90
C TYR A 209 20.44 -6.65 15.61
N SER A 210 20.43 -7.33 14.47
CA SER A 210 20.27 -6.72 13.12
C SER A 210 18.89 -6.06 13.00
N PHE A 211 17.85 -6.73 13.52
CA PHE A 211 16.47 -6.19 13.55
C PHE A 211 16.44 -4.93 14.43
N GLY A 212 17.22 -4.94 15.50
CA GLY A 212 17.53 -3.75 16.33
C GLY A 212 17.90 -2.56 15.47
N VAL A 213 18.81 -2.75 14.52
CA VAL A 213 19.29 -1.65 13.64
C VAL A 213 18.14 -1.22 12.72
N VAL A 214 17.35 -2.18 12.24
CA VAL A 214 16.13 -1.94 11.40
C VAL A 214 15.17 -1.04 12.18
N LEU A 215 14.89 -1.35 13.44
CA LEU A 215 13.96 -0.55 14.28
C LEU A 215 14.46 0.90 14.37
N LEU A 216 15.78 1.14 14.46
CA LEU A 216 16.38 2.50 14.52
C LEU A 216 16.16 3.20 13.18
N GLU A 217 16.32 2.49 12.06
CA GLU A 217 16.07 3.04 10.70
C GLU A 217 14.62 3.52 10.63
N ILE A 218 13.69 2.69 11.11
CA ILE A 218 12.22 3.00 11.10
C ILE A 218 11.98 4.29 11.91
N ILE A 219 12.54 4.39 13.11
CA ILE A 219 12.32 5.54 14.04
C ILE A 219 12.92 6.81 13.45
N THR A 220 14.17 6.74 12.97
CA THR A 220 15.00 7.91 12.59
C THR A 220 14.84 8.28 11.10
N GLY A 221 14.52 7.30 10.26
CA GLY A 221 14.56 7.45 8.78
C GLY A 221 15.99 7.52 8.24
N LEU A 222 16.98 7.19 9.07
CA LEU A 222 18.43 7.32 8.73
C LEU A 222 18.95 5.97 8.26
N PRO A 223 19.83 5.92 7.24
CA PRO A 223 20.46 4.66 6.85
C PRO A 223 21.40 4.14 7.96
N ALA A 224 21.63 2.83 8.00
CA ALA A 224 22.45 2.10 9.01
C ALA A 224 23.92 2.55 8.95
N VAL A 225 24.40 2.86 7.74
CA VAL A 225 25.73 3.48 7.50
C VAL A 225 25.52 4.71 6.60
N ASP A 226 26.15 5.83 6.94
CA ASP A 226 26.21 7.03 6.07
C ASP A 226 27.64 7.56 6.17
N GLU A 227 28.42 7.43 5.09
CA GLU A 227 29.86 7.77 5.03
C GLU A 227 30.06 9.26 5.36
N HIS A 228 29.11 10.12 4.97
CA HIS A 228 29.21 11.59 5.09
C HIS A 228 28.66 12.07 6.45
N ARG A 229 28.20 11.15 7.31
CA ARG A 229 27.53 11.49 8.59
C ARG A 229 28.48 11.24 9.77
N GLU A 230 28.35 12.04 10.83
CA GLU A 230 28.98 11.79 12.13
C GLU A 230 27.88 11.61 13.16
N PRO A 231 27.70 10.41 13.76
CA PRO A 231 28.52 9.23 13.47
C PRO A 231 28.07 8.54 12.17
N GLN A 232 28.95 7.71 11.61
CA GLN A 232 28.72 7.05 10.29
C GLN A 232 27.72 5.91 10.45
N LEU A 233 27.75 5.23 11.60
CA LEU A 233 26.87 4.07 11.94
C LEU A 233 25.76 4.53 12.89
N LEU A 234 24.51 4.23 12.54
CA LEU A 234 23.29 4.46 13.35
C LEU A 234 23.41 3.71 14.69
N LEU A 235 24.11 2.57 14.70
CA LEU A 235 24.49 1.78 15.91
C LEU A 235 25.11 2.70 16.97
N ASP A 236 26.04 3.56 16.56
CA ASP A 236 26.81 4.44 17.48
C ASP A 236 25.89 5.56 17.97
N ILE A 237 24.95 6.03 17.13
CA ILE A 237 23.89 6.99 17.55
C ILE A 237 23.14 6.34 18.72
N ALA A 238 22.72 5.08 18.57
CA ALA A 238 22.06 4.28 19.65
C ALA A 238 22.87 4.37 20.95
N ALA A 239 24.17 4.05 20.89
CA ALA A 239 25.10 4.03 22.04
C ALA A 239 25.16 5.42 22.69
N ALA A 240 25.25 6.49 21.89
CA ALA A 240 25.32 7.88 22.36
C ALA A 240 24.06 8.22 23.17
N ILE A 241 22.90 7.74 22.73
CA ILE A 241 21.58 8.00 23.42
C ILE A 241 21.57 7.28 24.77
N GLU A 242 22.16 6.08 24.87
CA GLU A 242 22.25 5.32 26.14
C GLU A 242 23.20 6.01 27.12
N ASP A 243 24.14 6.85 26.64
CA ASP A 243 25.15 7.52 27.47
C ASP A 243 24.73 8.97 27.77
N GLU A 244 23.46 9.32 27.53
CA GLU A 244 22.84 10.65 27.84
C GLU A 244 23.58 11.77 27.10
N GLU A 245 24.22 11.47 25.97
CA GLU A 245 24.92 12.45 25.10
C GLU A 245 24.05 12.79 23.87
N LYS A 246 23.06 11.96 23.56
CA LYS A 246 22.02 12.25 22.54
C LYS A 246 20.65 11.87 23.13
N THR A 247 19.58 12.19 22.39
CA THR A 247 18.17 11.89 22.76
C THR A 247 17.47 11.30 21.52
N ILE A 248 16.55 10.37 21.72
CA ILE A 248 15.82 9.71 20.60
C ILE A 248 14.88 10.75 19.96
N GLU A 249 14.27 11.65 20.75
CA GLU A 249 13.41 12.76 20.26
C GLU A 249 14.13 13.56 19.17
N ASP A 250 15.42 13.85 19.36
CA ASP A 250 16.24 14.68 18.44
C ASP A 250 16.53 13.89 17.15
N TYR A 251 16.28 12.59 17.13
CA TYR A 251 16.59 11.70 15.98
C TYR A 251 15.32 11.15 15.32
N ILE A 252 14.15 11.27 15.98
CA ILE A 252 12.84 10.84 15.38
C ILE A 252 12.73 11.44 13.98
N ASP A 253 12.46 10.59 12.97
CA ASP A 253 12.28 11.03 11.55
C ASP A 253 11.24 12.16 11.55
N LYS A 254 11.57 13.29 10.92
CA LYS A 254 10.73 14.51 10.89
C LYS A 254 9.70 14.40 9.76
N LYS A 255 9.83 13.41 8.88
CA LYS A 255 8.98 13.23 7.68
C LYS A 255 7.70 12.45 8.04
N MET A 256 7.10 12.70 9.20
CA MET A 256 5.79 12.12 9.58
C MET A 256 5.11 13.03 10.61
N ASN A 257 3.79 12.96 10.71
CA ASN A 257 3.00 13.90 11.57
C ASN A 257 2.17 13.13 12.59
N ASP A 258 2.25 11.78 12.63
CA ASP A 258 1.39 10.93 13.48
C ASP A 258 2.24 10.13 14.51
N ALA A 259 3.47 10.53 14.79
CA ALA A 259 4.28 9.92 15.87
C ALA A 259 3.80 10.48 17.21
N ASP A 260 3.73 9.62 18.23
CA ASP A 260 3.63 10.04 19.65
C ASP A 260 4.86 9.49 20.37
N SER A 261 5.33 10.20 21.41
CA SER A 261 6.53 9.84 22.22
C SER A 261 6.42 8.41 22.73
N THR A 262 5.24 8.03 23.25
CA THR A 262 4.99 6.75 23.95
C THR A 262 5.32 5.56 23.04
N SER A 263 4.71 5.48 21.86
CA SER A 263 4.95 4.39 20.90
C SER A 263 6.41 4.46 20.41
N VAL A 264 6.93 5.66 20.15
CA VAL A 264 8.33 5.87 19.65
C VAL A 264 9.31 5.31 20.68
N GLU A 265 9.27 5.83 21.91
CA GLU A 265 10.22 5.45 22.98
C GLU A 265 9.97 3.99 23.41
N ALA A 266 8.80 3.41 23.11
CA ALA A 266 8.53 1.96 23.32
C ALA A 266 9.23 1.14 22.22
N MET A 267 9.18 1.59 20.96
CA MET A 267 9.89 0.91 19.85
C MET A 267 11.40 1.06 20.07
N TYR A 268 11.87 2.23 20.51
CA TYR A 268 13.31 2.49 20.79
C TYR A 268 13.78 1.55 21.91
N SER A 269 12.90 1.28 22.89
CA SER A 269 13.16 0.37 24.04
C SER A 269 13.43 -1.04 23.53
N VAL A 270 12.65 -1.51 22.54
CA VAL A 270 12.83 -2.84 21.88
C VAL A 270 14.19 -2.85 21.17
N ALA A 271 14.52 -1.81 20.40
CA ALA A 271 15.78 -1.70 19.64
C ALA A 271 16.99 -1.75 20.58
N SER A 272 16.94 -1.00 21.69
CA SER A 272 18.01 -0.95 22.71
C SER A 272 18.23 -2.34 23.33
N GLN A 273 17.14 -3.06 23.61
CA GLN A 273 17.21 -4.45 24.14
C GLN A 273 17.82 -5.35 23.06
N CYS A 274 17.43 -5.13 21.80
CA CYS A 274 17.92 -5.88 20.61
C CYS A 274 19.41 -5.62 20.43
N LEU A 275 19.88 -4.39 20.72
CA LEU A 275 21.27 -3.95 20.43
C LEU A 275 22.18 -4.17 21.64
N HIS A 276 21.77 -4.94 22.65
CA HIS A 276 22.68 -5.36 23.76
C HIS A 276 23.86 -6.10 23.12
N GLU A 277 25.08 -5.62 23.37
CA GLU A 277 26.33 -6.15 22.79
C GLU A 277 26.47 -7.63 23.15
N LYS A 278 26.04 -7.99 24.37
CA LYS A 278 26.03 -9.38 24.91
C LYS A 278 24.76 -10.10 24.45
N LYS A 279 24.92 -11.14 23.62
CA LYS A 279 23.84 -11.91 22.93
C LYS A 279 22.78 -12.41 23.93
N ASN A 280 23.21 -12.93 25.08
CA ASN A 280 22.33 -13.61 26.08
C ASN A 280 21.40 -12.58 26.71
N LYS A 281 21.81 -11.30 26.75
CA LYS A 281 21.04 -10.19 27.37
C LYS A 281 20.04 -9.60 26.36
N ARG A 282 20.02 -10.09 25.12
CA ARG A 282 19.03 -9.67 24.09
C ARG A 282 17.80 -10.55 24.16
N PRO A 283 16.60 -9.99 23.91
CA PRO A 283 15.37 -10.79 23.93
C PRO A 283 15.36 -11.79 22.77
N ASP A 284 14.48 -12.79 22.84
CA ASP A 284 14.16 -13.71 21.71
C ASP A 284 13.07 -13.07 20.85
N ILE A 285 12.90 -13.57 19.63
CA ILE A 285 11.99 -12.97 18.61
C ILE A 285 10.56 -12.95 19.16
N LYS A 286 10.20 -13.92 20.00
CA LYS A 286 8.87 -14.05 20.67
C LYS A 286 8.62 -12.85 21.58
N LYS A 287 9.62 -12.45 22.37
CA LYS A 287 9.53 -11.29 23.28
C LYS A 287 9.50 -9.98 22.45
N VAL A 288 10.25 -9.93 21.35
CA VAL A 288 10.24 -8.75 20.42
C VAL A 288 8.80 -8.57 19.91
N GLN A 289 8.21 -9.64 19.37
CA GLN A 289 6.81 -9.66 18.83
C GLN A 289 5.86 -9.08 19.88
N GLN A 290 5.94 -9.61 21.11
CA GLN A 290 5.05 -9.25 22.24
C GLN A 290 5.21 -7.75 22.54
N LEU A 291 6.45 -7.26 22.60
CA LEU A 291 6.74 -5.86 22.99
C LEU A 291 6.19 -4.92 21.90
N LEU A 292 6.33 -5.32 20.63
CA LEU A 292 5.83 -4.54 19.47
C LEU A 292 4.30 -4.50 19.47
N GLN A 293 3.64 -5.58 19.92
CA GLN A 293 2.16 -5.66 20.04
C GLN A 293 1.69 -4.71 21.15
N GLU A 294 2.32 -4.80 22.32
CA GLU A 294 2.01 -3.98 23.53
C GLU A 294 2.12 -2.49 23.17
N MET A 295 3.06 -2.14 22.28
CA MET A 295 3.30 -0.76 21.76
C MET A 295 2.02 -0.17 21.16
N THR A 296 1.18 -1.01 20.53
CA THR A 296 -0.06 -0.59 19.83
C THR A 296 -1.27 -1.29 20.48
N PHE B 3 -8.97 -4.15 14.76
CA PHE B 3 -9.45 -2.73 14.84
C PHE B 3 -9.65 -2.33 16.31
N HIS B 4 -9.93 -1.04 16.55
CA HIS B 4 -10.00 -0.40 17.89
C HIS B 4 -11.43 0.13 18.13
N SER B 5 -12.04 -0.24 19.26
CA SER B 5 -13.48 0.02 19.57
C SER B 5 -13.77 1.52 19.59
N PHE B 6 -13.08 2.27 20.45
CA PHE B 6 -13.32 3.70 20.76
C PHE B 6 -14.67 3.87 21.47
N SER B 7 -14.70 4.68 22.54
CA SER B 7 -15.94 5.24 23.13
C SER B 7 -16.37 6.42 22.25
N PHE B 8 -17.67 6.74 22.22
CA PHE B 8 -18.20 7.83 21.37
C PHE B 8 -17.48 9.15 21.73
N TYR B 9 -17.67 9.61 22.97
CA TYR B 9 -17.09 10.86 23.52
C TYR B 9 -15.62 11.04 23.06
N GLU B 10 -14.80 9.99 23.16
CA GLU B 10 -13.39 9.97 22.73
C GLU B 10 -13.27 10.67 21.38
N LEU B 11 -14.21 10.38 20.46
CA LEU B 11 -14.26 10.85 19.06
C LEU B 11 -14.88 12.26 18.99
N LYS B 12 -15.85 12.55 19.87
CA LYS B 12 -16.46 13.90 20.01
C LYS B 12 -15.38 14.91 20.39
N ASN B 13 -14.57 14.57 21.39
CA ASN B 13 -13.58 15.47 22.03
C ASN B 13 -12.37 15.67 21.11
N VAL B 14 -12.00 14.64 20.33
CA VAL B 14 -10.92 14.70 19.28
C VAL B 14 -11.38 15.55 18.09
N THR B 15 -12.69 15.65 17.86
CA THR B 15 -13.31 16.40 16.72
C THR B 15 -13.84 17.74 17.22
N ASN B 16 -13.39 18.20 18.39
CA ASN B 16 -13.82 19.49 19.02
C ASN B 16 -15.35 19.53 19.09
N ASN B 17 -15.95 18.46 19.60
CA ASN B 17 -17.43 18.29 19.68
C ASN B 17 -18.04 18.44 18.28
N PHE B 18 -17.73 17.50 17.39
CA PHE B 18 -18.41 17.30 16.10
C PHE B 18 -18.65 18.66 15.43
N ASP B 19 -17.65 19.54 15.51
CA ASP B 19 -17.67 20.93 14.98
C ASP B 19 -18.09 20.88 13.50
N GLU B 20 -19.36 21.20 13.21
CA GLU B 20 -19.97 21.06 11.85
C GLU B 20 -19.39 22.11 10.90
N ARG B 21 -18.63 23.07 11.40
CA ARG B 21 -18.04 24.15 10.57
C ARG B 21 -16.94 23.55 9.68
N PRO B 22 -16.82 24.01 8.42
CA PRO B 22 -15.76 23.53 7.51
C PRO B 22 -14.32 23.75 8.03
N ILE B 23 -13.40 22.91 7.56
CA ILE B 23 -11.93 22.95 7.88
C ILE B 23 -11.37 24.31 7.48
N SER B 24 -11.76 24.82 6.32
CA SER B 24 -11.19 26.04 5.68
C SER B 24 -11.51 27.29 6.50
N VAL B 25 -12.52 27.22 7.38
CA VAL B 25 -12.88 28.31 8.34
C VAL B 25 -12.52 27.88 9.77
N GLY B 26 -11.64 26.88 9.90
CA GLY B 26 -11.03 26.44 11.18
C GLY B 26 -11.91 25.46 11.94
N GLY B 27 -12.87 24.83 11.28
CA GLY B 27 -13.77 23.82 11.88
C GLY B 27 -13.21 22.42 11.74
N ASN B 28 -13.99 21.39 12.11
CA ASN B 28 -13.56 19.97 12.12
C ASN B 28 -14.32 19.16 11.06
N LYS B 29 -15.22 19.79 10.30
CA LYS B 29 -16.09 19.11 9.30
C LYS B 29 -15.45 19.27 7.92
N MET B 30 -15.66 18.29 7.02
CA MET B 30 -15.08 18.28 5.65
C MET B 30 -16.06 17.68 4.63
N GLY B 31 -16.79 16.62 4.98
CA GLY B 31 -17.78 15.96 4.10
C GLY B 31 -19.03 15.54 4.84
N GLY B 36 -23.76 9.88 7.91
CA GLY B 36 -23.54 10.52 6.59
C GLY B 36 -22.77 11.83 6.70
N VAL B 37 -21.79 11.90 7.61
CA VAL B 37 -20.90 13.10 7.82
C VAL B 37 -19.52 12.63 8.31
N VAL B 38 -18.46 13.24 7.77
CA VAL B 38 -17.02 12.96 8.10
C VAL B 38 -16.40 14.21 8.74
N TYR B 39 -15.68 14.01 9.84
CA TYR B 39 -14.97 15.07 10.59
C TYR B 39 -13.51 14.68 10.80
N LYS B 40 -12.63 15.68 10.78
CA LYS B 40 -11.19 15.54 11.11
C LYS B 40 -11.05 15.41 12.63
N GLY B 41 -10.41 14.35 13.10
CA GLY B 41 -10.21 14.03 14.52
C GLY B 41 -8.78 13.68 14.83
N TYR B 42 -8.05 14.61 15.45
CA TYR B 42 -6.67 14.41 15.97
C TYR B 42 -6.76 13.52 17.21
N VAL B 43 -6.53 12.22 17.05
CA VAL B 43 -6.37 11.23 18.16
C VAL B 43 -4.90 10.83 18.26
N ASN B 44 -4.41 10.60 19.47
CA ASN B 44 -3.02 10.22 19.76
C ASN B 44 -2.11 11.25 19.09
N ASN B 45 -1.67 11.02 17.85
CA ASN B 45 -1.28 12.09 16.89
C ASN B 45 -1.72 11.71 15.47
N THR B 46 -2.52 10.66 15.31
CA THR B 46 -3.03 10.18 14.01
C THR B 46 -4.29 10.97 13.64
N THR B 47 -4.15 12.00 12.78
CA THR B 47 -5.30 12.69 12.14
C THR B 47 -6.19 11.63 11.52
N VAL B 48 -7.34 11.36 12.14
CA VAL B 48 -8.29 10.27 11.76
C VAL B 48 -9.47 10.90 10.99
N ALA B 49 -10.13 10.10 10.14
CA ALA B 49 -11.41 10.46 9.48
C ALA B 49 -12.55 9.87 10.31
N VAL B 50 -13.43 10.72 10.83
CA VAL B 50 -14.52 10.37 11.81
C VAL B 50 -15.87 10.46 11.09
N LYS B 51 -16.24 9.41 10.37
CA LYS B 51 -17.55 9.30 9.69
C LYS B 51 -18.59 8.97 10.75
N LYS B 52 -19.51 9.91 11.04
CA LYS B 52 -20.66 9.72 11.96
C LYS B 52 -21.90 9.35 11.12
N LEU B 53 -22.57 8.26 11.49
CA LEU B 53 -23.80 7.73 10.83
C LEU B 53 -25.04 8.24 11.57
N THR B 61 -34.02 2.75 10.68
CA THR B 61 -34.13 1.36 10.17
C THR B 61 -32.90 0.56 10.62
N GLU B 62 -32.92 -0.77 10.41
CA GLU B 62 -31.82 -1.72 10.73
C GLU B 62 -30.74 -1.66 9.65
N GLU B 63 -31.01 -0.96 8.53
CA GLU B 63 -30.12 -0.84 7.35
C GLU B 63 -28.81 -0.12 7.72
N LEU B 64 -28.90 0.98 8.50
CA LEU B 64 -27.74 1.84 8.87
C LEU B 64 -26.79 1.06 9.79
N LYS B 65 -27.30 0.07 10.54
CA LYS B 65 -26.51 -0.81 11.42
C LYS B 65 -25.93 -1.99 10.62
N GLN B 66 -26.59 -2.39 9.53
CA GLN B 66 -26.11 -3.49 8.63
C GLN B 66 -24.99 -2.94 7.73
N GLN B 67 -25.14 -1.73 7.20
CA GLN B 67 -24.10 -1.04 6.37
C GLN B 67 -22.82 -0.84 7.21
N PHE B 68 -22.96 -0.67 8.53
CA PHE B 68 -21.83 -0.61 9.50
C PHE B 68 -21.03 -1.92 9.40
N ASP B 69 -21.69 -3.05 9.66
CA ASP B 69 -21.05 -4.39 9.77
C ASP B 69 -20.31 -4.73 8.47
N GLN B 70 -20.93 -4.47 7.31
CA GLN B 70 -20.39 -4.85 5.98
C GLN B 70 -19.06 -4.12 5.77
N GLU B 71 -19.02 -2.80 5.96
CA GLU B 71 -17.77 -1.99 5.92
C GLU B 71 -16.69 -2.72 6.73
N ILE B 72 -16.98 -3.02 8.00
CA ILE B 72 -16.09 -3.74 8.96
C ILE B 72 -15.64 -5.08 8.36
N LYS B 73 -16.59 -5.91 7.90
CA LYS B 73 -16.31 -7.28 7.38
C LYS B 73 -15.40 -7.20 6.15
N VAL B 74 -15.71 -6.30 5.21
CA VAL B 74 -14.97 -6.11 3.93
C VAL B 74 -13.57 -5.55 4.24
N MET B 75 -13.51 -4.54 5.11
CA MET B 75 -12.26 -3.84 5.50
C MET B 75 -11.34 -4.81 6.24
N ALA B 76 -11.93 -5.81 6.92
CA ALA B 76 -11.21 -6.86 7.67
C ALA B 76 -10.53 -7.81 6.69
N LYS B 77 -11.11 -8.05 5.52
CA LYS B 77 -10.57 -9.00 4.50
C LYS B 77 -9.72 -8.26 3.46
N CYS B 78 -10.00 -6.97 3.20
CA CYS B 78 -9.46 -6.22 2.03
C CYS B 78 -8.57 -5.06 2.50
N GLN B 79 -7.25 -5.29 2.51
CA GLN B 79 -6.20 -4.26 2.71
C GLN B 79 -5.41 -4.15 1.39
N HIS B 80 -5.24 -2.92 0.91
CA HIS B 80 -4.59 -2.60 -0.39
C HIS B 80 -4.26 -1.11 -0.42
N GLU B 81 -3.18 -0.74 -1.11
CA GLU B 81 -2.75 0.67 -1.39
C GLU B 81 -3.94 1.55 -1.77
N ASN B 82 -4.88 1.02 -2.56
CA ASN B 82 -5.94 1.79 -3.24
C ASN B 82 -7.31 1.53 -2.63
N LEU B 83 -7.37 1.02 -1.39
CA LEU B 83 -8.60 1.01 -0.55
C LEU B 83 -8.34 1.86 0.69
N VAL B 84 -9.33 2.63 1.16
CA VAL B 84 -9.20 3.35 2.46
C VAL B 84 -8.86 2.29 3.50
N GLU B 85 -8.18 2.70 4.56
CA GLU B 85 -7.82 1.83 5.71
C GLU B 85 -8.71 2.21 6.90
N LEU B 86 -9.47 1.24 7.42
CA LEU B 86 -10.25 1.38 8.67
C LEU B 86 -9.32 1.11 9.86
N LEU B 87 -9.14 2.10 10.74
CA LEU B 87 -8.43 1.93 12.04
C LEU B 87 -9.41 1.33 13.04
N GLY B 88 -10.59 1.96 13.18
CA GLY B 88 -11.68 1.47 14.05
C GLY B 88 -13.02 2.18 13.80
N PHE B 89 -13.81 2.27 14.86
CA PHE B 89 -15.27 2.55 14.78
C PHE B 89 -15.74 3.08 16.14
N SER B 90 -17.06 3.07 16.37
CA SER B 90 -17.71 3.31 17.68
C SER B 90 -19.19 2.90 17.56
N SER B 91 -19.69 2.13 18.54
CA SER B 91 -21.11 1.69 18.63
C SER B 91 -21.67 1.98 20.04
N ASP B 92 -21.16 3.00 20.72
CA ASP B 92 -21.51 3.35 22.13
C ASP B 92 -21.95 4.81 22.23
N GLY B 93 -22.55 5.37 21.18
CA GLY B 93 -23.18 6.70 21.21
C GLY B 93 -24.40 6.80 20.33
N ASP B 94 -25.04 5.65 20.01
CA ASP B 94 -26.16 5.52 19.05
C ASP B 94 -25.67 5.95 17.66
N ASP B 95 -25.35 7.24 17.49
CA ASP B 95 -24.71 7.79 16.26
C ASP B 95 -23.41 7.04 16.01
N LEU B 96 -23.49 5.89 15.32
CA LEU B 96 -22.32 5.03 14.98
C LEU B 96 -21.28 5.86 14.22
N CYS B 97 -20.03 5.80 14.68
CA CYS B 97 -18.86 6.44 14.03
C CYS B 97 -18.02 5.35 13.35
N LEU B 98 -17.40 5.69 12.22
CA LEU B 98 -16.34 4.85 11.61
C LEU B 98 -15.05 5.67 11.54
N VAL B 99 -13.92 5.01 11.81
CA VAL B 99 -12.60 5.67 11.98
C VAL B 99 -11.62 5.05 10.98
N TYR B 100 -11.01 5.90 10.16
CA TYR B 100 -10.11 5.53 9.05
C TYR B 100 -8.84 6.37 9.12
N VAL B 101 -7.81 5.96 8.40
CA VAL B 101 -6.66 6.85 8.11
C VAL B 101 -7.21 8.00 7.27
N TYR B 102 -6.85 9.23 7.63
CA TYR B 102 -7.42 10.48 7.08
C TYR B 102 -6.78 10.74 5.72
N MET B 103 -7.59 11.14 4.74
CA MET B 103 -7.15 11.43 3.35
C MET B 103 -7.03 12.95 3.19
N PRO B 104 -5.80 13.50 3.16
CA PRO B 104 -5.59 14.95 3.20
C PRO B 104 -5.98 15.71 1.92
N ASN B 105 -6.25 14.99 0.83
CA ASN B 105 -6.62 15.60 -0.48
C ASN B 105 -8.10 15.32 -0.79
N GLY B 106 -8.86 14.81 0.19
CA GLY B 106 -10.31 14.56 0.10
C GLY B 106 -10.68 13.72 -1.12
N SER B 107 -11.83 14.01 -1.74
CA SER B 107 -12.43 13.17 -2.80
C SER B 107 -11.93 13.60 -4.18
N LEU B 108 -11.88 12.65 -5.12
CA LEU B 108 -11.58 12.92 -6.54
C LEU B 108 -12.59 13.93 -7.08
N LEU B 109 -13.86 13.85 -6.64
CA LEU B 109 -14.91 14.80 -7.06
C LEU B 109 -14.45 16.24 -6.76
N ASP B 110 -14.08 16.48 -5.50
CA ASP B 110 -13.78 17.84 -4.97
C ASP B 110 -12.51 18.39 -5.63
N ARG B 111 -11.55 17.52 -5.96
CA ARG B 111 -10.27 17.93 -6.61
C ARG B 111 -10.50 18.21 -8.11
N LEU B 112 -11.39 17.46 -8.76
CA LEU B 112 -11.77 17.72 -10.19
C LEU B 112 -12.49 19.07 -10.29
N SER B 113 -13.39 19.38 -9.35
CA SER B 113 -14.16 20.64 -9.30
C SER B 113 -13.31 21.77 -8.67
N CYS B 114 -12.17 21.43 -8.08
CA CYS B 114 -11.22 22.39 -7.44
C CYS B 114 -11.92 23.09 -6.27
N LEU B 115 -12.78 22.35 -5.55
CA LEU B 115 -13.49 22.85 -4.33
C LEU B 115 -12.50 23.51 -3.37
N ASP B 116 -12.80 24.72 -2.89
CA ASP B 116 -12.04 25.47 -1.87
C ASP B 116 -10.69 25.93 -2.42
N GLY B 117 -10.54 26.03 -3.75
CA GLY B 117 -9.41 26.74 -4.38
C GLY B 117 -8.22 25.84 -4.68
N THR B 118 -8.30 24.54 -4.37
CA THR B 118 -7.20 23.58 -4.62
C THR B 118 -6.86 23.64 -6.10
N PRO B 119 -5.57 23.54 -6.49
CA PRO B 119 -5.17 23.70 -7.89
C PRO B 119 -5.64 22.55 -8.76
N PRO B 120 -5.87 22.76 -10.07
CA PRO B 120 -6.33 21.69 -10.95
C PRO B 120 -5.32 20.55 -10.94
N LEU B 121 -5.80 19.31 -11.02
CA LEU B 121 -4.99 18.08 -11.21
C LEU B 121 -4.41 18.09 -12.63
N SER B 122 -3.09 17.88 -12.76
CA SER B 122 -2.40 17.65 -14.05
C SER B 122 -2.92 16.36 -14.71
N TRP B 123 -2.70 16.20 -16.01
CA TRP B 123 -2.99 14.95 -16.74
C TRP B 123 -2.15 13.79 -16.18
N HIS B 124 -0.86 14.04 -15.90
CA HIS B 124 0.10 13.05 -15.32
C HIS B 124 -0.53 12.43 -14.07
N MET B 125 -1.03 13.27 -13.15
CA MET B 125 -1.61 12.83 -11.85
C MET B 125 -2.98 12.19 -12.08
N ARG B 126 -3.74 12.68 -13.06
CA ARG B 126 -5.08 12.12 -13.39
C ARG B 126 -4.92 10.68 -13.86
N CYS B 127 -3.84 10.39 -14.59
CA CYS B 127 -3.51 9.05 -15.13
C CYS B 127 -3.14 8.10 -13.99
N LYS B 128 -2.36 8.57 -13.01
CA LYS B 128 -1.96 7.79 -11.81
C LYS B 128 -3.22 7.43 -11.03
N ILE B 129 -4.11 8.42 -10.88
CA ILE B 129 -5.38 8.30 -10.10
C ILE B 129 -6.28 7.23 -10.75
N ALA B 130 -6.45 7.28 -12.07
CA ALA B 130 -7.24 6.30 -12.86
C ALA B 130 -6.70 4.89 -12.61
N GLN B 131 -5.39 4.70 -12.75
CA GLN B 131 -4.70 3.38 -12.59
C GLN B 131 -4.87 2.89 -11.15
N GLY B 132 -4.65 3.76 -10.17
CA GLY B 132 -4.82 3.47 -8.73
C GLY B 132 -6.24 2.99 -8.42
N ALA B 133 -7.25 3.72 -8.88
CA ALA B 133 -8.68 3.37 -8.63
C ALA B 133 -8.98 2.01 -9.27
N ALA B 134 -8.47 1.75 -10.47
CA ALA B 134 -8.64 0.48 -11.19
C ALA B 134 -7.97 -0.64 -10.39
N ASN B 135 -6.78 -0.38 -9.84
CA ASN B 135 -6.03 -1.38 -9.02
C ASN B 135 -6.89 -1.75 -7.81
N GLY B 136 -7.48 -0.75 -7.14
CA GLY B 136 -8.36 -0.93 -5.98
C GLY B 136 -9.59 -1.75 -6.33
N ILE B 137 -10.23 -1.45 -7.46
CA ILE B 137 -11.47 -2.15 -7.94
C ILE B 137 -11.11 -3.59 -8.30
N ASN B 138 -9.91 -3.78 -8.86
CA ASN B 138 -9.40 -5.11 -9.27
C ASN B 138 -9.28 -5.97 -8.02
N PHE B 139 -8.65 -5.43 -6.96
CA PHE B 139 -8.43 -6.14 -5.67
C PHE B 139 -9.78 -6.56 -5.09
N LEU B 140 -10.82 -5.74 -5.27
CA LEU B 140 -12.21 -6.05 -4.83
C LEU B 140 -12.75 -7.26 -5.62
N HIS B 141 -12.60 -7.22 -6.94
CA HIS B 141 -13.12 -8.28 -7.86
C HIS B 141 -12.30 -9.57 -7.69
N GLU B 142 -10.99 -9.47 -7.45
CA GLU B 142 -10.12 -10.64 -7.17
C GLU B 142 -10.60 -11.34 -5.89
N ASN B 143 -11.04 -10.55 -4.90
CA ASN B 143 -11.54 -11.04 -3.59
C ASN B 143 -13.06 -11.16 -3.64
N HIS B 144 -13.64 -11.19 -4.85
CA HIS B 144 -15.05 -11.56 -5.13
C HIS B 144 -15.99 -10.59 -4.40
N HIS B 145 -15.77 -9.28 -4.58
CA HIS B 145 -16.61 -8.20 -3.99
C HIS B 145 -17.05 -7.21 -5.07
N ILE B 146 -18.36 -6.94 -5.13
CA ILE B 146 -19.04 -5.90 -5.96
C ILE B 146 -19.22 -4.68 -5.07
N HIS B 147 -18.70 -3.51 -5.50
CA HIS B 147 -18.71 -2.27 -4.70
C HIS B 147 -20.12 -1.68 -4.68
N ARG B 148 -20.72 -1.50 -5.86
CA ARG B 148 -22.13 -1.08 -6.12
C ARG B 148 -22.29 0.44 -6.09
N ASP B 149 -21.24 1.21 -5.78
CA ASP B 149 -21.33 2.69 -5.66
C ASP B 149 -20.00 3.36 -6.04
N ILE B 150 -19.34 2.87 -7.10
CA ILE B 150 -18.12 3.50 -7.68
C ILE B 150 -18.51 4.88 -8.24
N LYS B 151 -17.90 5.94 -7.71
CA LYS B 151 -18.11 7.35 -8.10
C LYS B 151 -16.95 8.19 -7.57
N SER B 152 -16.74 9.37 -8.14
CA SER B 152 -15.61 10.28 -7.81
C SER B 152 -15.66 10.70 -6.34
N ALA B 153 -16.86 10.80 -5.74
CA ALA B 153 -17.05 11.16 -4.32
C ALA B 153 -16.54 10.03 -3.40
N ASN B 154 -16.43 8.80 -3.92
CA ASN B 154 -16.00 7.58 -3.16
C ASN B 154 -14.55 7.21 -3.47
N ILE B 155 -13.87 8.00 -4.31
CA ILE B 155 -12.42 7.86 -4.56
C ILE B 155 -11.71 9.00 -3.82
N LEU B 156 -11.00 8.69 -2.73
CA LEU B 156 -10.29 9.68 -1.90
C LEU B 156 -8.80 9.62 -2.23
N LEU B 157 -8.07 10.69 -1.89
CA LEU B 157 -6.69 10.93 -2.34
C LEU B 157 -5.79 11.19 -1.12
N ASP B 158 -4.66 10.49 -1.00
CA ASP B 158 -3.70 10.63 0.14
C ASP B 158 -2.78 11.83 -0.13
N GLU B 159 -1.82 12.07 0.76
CA GLU B 159 -0.84 13.20 0.69
C GLU B 159 -0.18 13.25 -0.69
N ALA B 160 0.02 12.11 -1.37
CA ALA B 160 0.64 11.99 -2.71
C ALA B 160 -0.43 11.85 -3.80
N PHE B 161 -1.70 12.05 -3.47
CA PHE B 161 -2.87 11.85 -4.38
C PHE B 161 -2.88 10.43 -4.94
N THR B 162 -2.63 9.43 -4.09
CA THR B 162 -2.88 8.00 -4.40
C THR B 162 -4.38 7.74 -4.23
N ALA B 163 -5.03 7.18 -5.25
CA ALA B 163 -6.49 6.90 -5.25
C ALA B 163 -6.78 5.82 -4.22
N LYS B 164 -7.70 6.09 -3.31
CA LYS B 164 -8.20 5.13 -2.29
C LYS B 164 -9.71 4.97 -2.48
N ILE B 165 -10.18 3.77 -2.84
CA ILE B 165 -11.63 3.49 -2.93
C ILE B 165 -12.19 3.38 -1.51
N SER B 166 -13.35 3.99 -1.29
CA SER B 166 -14.05 4.10 0.02
C SER B 166 -15.50 3.62 -0.10
N ASP B 167 -16.16 3.47 1.04
CA ASP B 167 -17.63 3.30 1.16
C ASP B 167 -18.01 1.92 0.64
N PHE B 168 -17.90 0.90 1.50
CA PHE B 168 -18.20 -0.53 1.20
C PHE B 168 -19.44 -0.99 1.97
N GLY B 169 -20.31 -0.03 2.36
CA GLY B 169 -21.53 -0.29 3.15
C GLY B 169 -22.58 -1.08 2.38
N LEU B 170 -22.57 -0.97 1.04
CA LEU B 170 -23.53 -1.65 0.12
C LEU B 170 -22.84 -2.79 -0.64
N ALA B 171 -21.56 -3.05 -0.36
CA ALA B 171 -20.72 -4.07 -1.04
C ALA B 171 -21.45 -5.42 -1.00
N ARG B 172 -21.17 -6.29 -1.98
CA ARG B 172 -21.81 -7.64 -2.11
C ARG B 172 -20.78 -8.67 -2.58
N ALA B 173 -20.90 -9.91 -2.08
CA ALA B 173 -20.08 -11.07 -2.49
C ALA B 173 -20.46 -11.49 -3.92
N SER B 174 -19.46 -11.91 -4.71
CA SER B 174 -19.60 -12.30 -6.14
C SER B 174 -18.94 -13.67 -6.37
N THR B 180 -25.97 -14.19 -12.05
CA THR B 180 -26.32 -12.77 -11.71
C THR B 180 -27.70 -12.76 -11.05
N VAL B 181 -27.80 -12.14 -9.87
CA VAL B 181 -29.05 -12.09 -9.03
C VAL B 181 -29.68 -10.71 -9.15
N MET B 182 -30.94 -10.58 -8.75
CA MET B 182 -31.71 -9.31 -8.69
C MET B 182 -31.91 -8.92 -7.23
N TPO B 183 -32.27 -7.65 -7.00
CA TPO B 183 -32.63 -7.15 -5.69
CB TPO B 183 -31.40 -6.57 -4.96
CG2 TPO B 183 -30.75 -5.43 -5.71
OG1 TPO B 183 -31.83 -6.04 -3.65
P TPO B 183 -31.65 -6.89 -2.27
O1P TPO B 183 -33.04 -7.42 -1.92
O2P TPO B 183 -31.12 -5.90 -1.25
O3P TPO B 183 -30.65 -8.00 -2.58
C TPO B 183 -33.78 -6.14 -5.84
O TPO B 183 -33.77 -5.30 -6.74
N SEP B 184 -34.77 -6.26 -4.94
CA SEP B 184 -35.87 -5.32 -4.87
CB SEP B 184 -36.97 -5.88 -3.98
OG SEP B 184 -36.35 -6.43 -2.79
C SEP B 184 -35.36 -3.96 -4.38
O SEP B 184 -35.82 -2.92 -4.83
P SEP B 184 -37.27 -7.06 -1.64
O1P SEP B 184 -38.18 -8.05 -2.34
O2P SEP B 184 -38.04 -5.89 -1.03
O3P SEP B 184 -36.32 -7.71 -0.66
N ARG B 185 -34.40 -4.01 -3.45
CA ARG B 185 -33.82 -2.80 -2.86
C ARG B 185 -32.70 -2.32 -3.79
N ILE B 186 -33.04 -1.50 -4.77
CA ILE B 186 -32.11 -0.94 -5.79
C ILE B 186 -31.39 0.24 -5.12
N VAL B 187 -30.06 0.27 -5.20
CA VAL B 187 -29.22 1.25 -4.44
C VAL B 187 -27.98 1.63 -5.27
N GLY B 188 -27.51 2.87 -5.10
CA GLY B 188 -26.42 3.48 -5.89
C GLY B 188 -26.72 4.93 -6.22
N THR B 189 -25.89 5.54 -7.06
CA THR B 189 -26.01 6.96 -7.48
C THR B 189 -26.38 6.95 -8.97
N THR B 190 -27.49 7.58 -9.32
CA THR B 190 -28.18 7.44 -10.64
C THR B 190 -27.21 7.69 -11.80
N ALA B 191 -26.49 8.82 -11.79
CA ALA B 191 -25.64 9.31 -12.91
C ALA B 191 -24.48 8.35 -13.20
N TYR B 192 -24.20 7.40 -12.31
CA TYR B 192 -23.10 6.41 -12.45
C TYR B 192 -23.64 5.01 -12.76
N MET B 193 -24.93 4.75 -12.52
CA MET B 193 -25.44 3.36 -12.45
C MET B 193 -25.62 2.77 -13.86
N ALA B 194 -25.13 1.55 -14.08
CA ALA B 194 -25.38 0.74 -15.28
C ALA B 194 -26.88 0.50 -15.39
N PRO B 195 -27.43 0.30 -16.61
CA PRO B 195 -28.86 0.02 -16.77
C PRO B 195 -29.32 -1.19 -15.96
N GLU B 196 -28.55 -2.29 -15.96
CA GLU B 196 -28.91 -3.53 -15.23
C GLU B 196 -28.94 -3.26 -13.72
N ALA B 197 -28.05 -2.39 -13.22
CA ALA B 197 -28.04 -1.98 -11.79
C ALA B 197 -29.31 -1.19 -11.48
N LEU B 198 -29.74 -0.32 -12.39
CA LEU B 198 -31.02 0.44 -12.26
C LEU B 198 -32.22 -0.52 -12.35
N ARG B 199 -32.05 -1.65 -13.03
CA ARG B 199 -33.09 -2.72 -13.12
C ARG B 199 -33.02 -3.67 -11.92
N GLY B 200 -32.00 -3.52 -11.07
CA GLY B 200 -31.86 -4.24 -9.79
C GLY B 200 -30.95 -5.46 -9.88
N GLU B 201 -30.23 -5.64 -10.99
CA GLU B 201 -29.22 -6.74 -11.14
C GLU B 201 -27.96 -6.39 -10.32
N ILE B 202 -27.37 -7.39 -9.65
CA ILE B 202 -26.11 -7.28 -8.85
C ILE B 202 -25.01 -8.03 -9.60
N THR B 203 -24.09 -7.30 -10.24
CA THR B 203 -22.97 -7.88 -11.04
C THR B 203 -21.77 -6.95 -10.97
N PRO B 204 -20.53 -7.49 -10.88
CA PRO B 204 -19.33 -6.67 -10.88
C PRO B 204 -19.22 -5.82 -12.15
N LYS B 205 -19.94 -6.23 -13.22
CA LYS B 205 -19.98 -5.54 -14.54
C LYS B 205 -20.47 -4.11 -14.37
N SER B 206 -21.39 -3.86 -13.42
CA SER B 206 -21.95 -2.53 -13.10
C SER B 206 -20.87 -1.61 -12.52
N ASP B 207 -19.93 -2.17 -11.74
CA ASP B 207 -18.77 -1.43 -11.18
C ASP B 207 -17.91 -0.88 -12.32
N ILE B 208 -17.79 -1.62 -13.43
CA ILE B 208 -16.96 -1.24 -14.60
C ILE B 208 -17.60 -0.02 -15.27
N TYR B 209 -18.93 -0.05 -15.42
CA TYR B 209 -19.73 1.02 -16.08
C TYR B 209 -19.56 2.35 -15.31
N SER B 210 -19.79 2.30 -14.01
CA SER B 210 -19.58 3.43 -13.05
C SER B 210 -18.17 3.99 -13.23
N PHE B 211 -17.15 3.12 -13.22
CA PHE B 211 -15.74 3.53 -13.38
C PHE B 211 -15.61 4.28 -14.72
N GLY B 212 -16.22 3.75 -15.78
CA GLY B 212 -16.30 4.44 -17.10
C GLY B 212 -16.68 5.90 -16.95
N VAL B 213 -17.73 6.18 -16.16
CA VAL B 213 -18.22 7.55 -15.85
C VAL B 213 -17.13 8.34 -15.12
N VAL B 214 -16.44 7.73 -14.16
CA VAL B 214 -15.32 8.37 -13.41
C VAL B 214 -14.21 8.76 -14.40
N LEU B 215 -13.90 7.87 -15.35
CA LEU B 215 -12.87 8.17 -16.39
C LEU B 215 -13.28 9.43 -17.17
N LEU B 216 -14.57 9.60 -17.48
CA LEU B 216 -15.08 10.79 -18.21
C LEU B 216 -14.92 12.04 -17.35
N GLU B 217 -15.14 11.90 -16.04
CA GLU B 217 -14.97 13.02 -15.06
C GLU B 217 -13.50 13.46 -15.11
N ILE B 218 -12.57 12.50 -15.04
CA ILE B 218 -11.10 12.74 -15.07
C ILE B 218 -10.73 13.45 -16.38
N ILE B 219 -11.25 12.97 -17.51
CA ILE B 219 -10.93 13.52 -18.86
C ILE B 219 -11.46 14.95 -18.97
N THR B 220 -12.70 15.19 -18.55
CA THR B 220 -13.49 16.42 -18.86
C THR B 220 -13.53 17.40 -17.69
N GLY B 221 -13.33 16.94 -16.45
CA GLY B 221 -13.51 17.76 -15.24
C GLY B 221 -14.96 18.19 -15.01
N LEU B 222 -15.93 17.52 -15.64
CA LEU B 222 -17.38 17.81 -15.45
C LEU B 222 -17.96 16.86 -14.41
N PRO B 223 -18.98 17.28 -13.62
CA PRO B 223 -19.70 16.36 -12.75
C PRO B 223 -20.62 15.43 -13.56
N ALA B 224 -20.83 14.20 -13.07
CA ALA B 224 -21.60 13.13 -13.75
C ALA B 224 -23.00 13.63 -14.11
N VAL B 225 -23.63 14.38 -13.20
CA VAL B 225 -24.94 15.06 -13.43
C VAL B 225 -24.75 16.56 -13.17
N ASP B 226 -25.47 17.40 -13.93
CA ASP B 226 -25.57 18.86 -13.70
C ASP B 226 -26.98 19.27 -14.15
N GLU B 227 -27.83 19.68 -13.20
CA GLU B 227 -29.26 20.03 -13.44
C GLU B 227 -29.35 21.11 -14.52
N HIS B 228 -28.41 22.06 -14.53
CA HIS B 228 -28.41 23.27 -15.40
C HIS B 228 -27.53 23.07 -16.64
N ARG B 229 -27.19 21.82 -16.98
CA ARG B 229 -26.36 21.50 -18.18
C ARG B 229 -27.19 20.72 -19.20
N GLU B 230 -26.79 20.79 -20.48
CA GLU B 230 -27.34 20.02 -21.62
C GLU B 230 -26.18 19.34 -22.35
N PRO B 231 -26.08 18.00 -22.39
CA PRO B 231 -27.00 17.11 -21.67
C PRO B 231 -26.67 17.08 -20.17
N GLN B 232 -27.66 16.76 -19.34
CA GLN B 232 -27.56 16.75 -17.86
C GLN B 232 -26.57 15.66 -17.40
N LEU B 233 -26.69 14.46 -17.94
CA LEU B 233 -25.84 13.29 -17.59
C LEU B 233 -24.59 13.26 -18.49
N LEU B 234 -23.41 13.21 -17.86
CA LEU B 234 -22.09 13.14 -18.53
C LEU B 234 -22.05 11.95 -19.51
N LEU B 235 -22.72 10.84 -19.18
CA LEU B 235 -22.69 9.61 -20.01
C LEU B 235 -23.34 9.85 -21.37
N ASP B 236 -24.25 10.83 -21.48
CA ASP B 236 -24.93 11.23 -22.75
C ASP B 236 -23.98 12.06 -23.63
N ILE B 237 -23.05 12.80 -23.03
CA ILE B 237 -21.99 13.54 -23.78
C ILE B 237 -21.15 12.50 -24.53
N ALA B 238 -20.69 11.47 -23.81
CA ALA B 238 -19.88 10.35 -24.36
C ALA B 238 -20.62 9.72 -25.56
N ALA B 239 -21.88 9.31 -25.37
CA ALA B 239 -22.76 8.70 -26.40
C ALA B 239 -22.82 9.60 -27.63
N ALA B 240 -22.94 10.93 -27.43
CA ALA B 240 -23.00 11.95 -28.49
C ALA B 240 -21.69 12.01 -29.28
N ILE B 241 -20.56 11.70 -28.64
CA ILE B 241 -19.21 11.68 -29.31
C ILE B 241 -19.13 10.43 -30.19
N GLU B 242 -19.66 9.30 -29.70
CA GLU B 242 -19.66 8.00 -30.42
C GLU B 242 -20.60 8.08 -31.62
N ASP B 243 -21.61 8.95 -31.58
CA ASP B 243 -22.52 9.26 -32.71
C ASP B 243 -21.94 10.42 -33.54
N GLU B 244 -20.69 10.81 -33.26
CA GLU B 244 -19.94 11.88 -33.97
C GLU B 244 -20.77 13.17 -34.04
N GLU B 245 -21.66 13.39 -33.06
CA GLU B 245 -22.41 14.67 -32.87
C GLU B 245 -21.56 15.63 -32.04
N LYS B 246 -20.64 15.09 -31.22
CA LYS B 246 -19.65 15.86 -30.43
C LYS B 246 -18.26 15.26 -30.68
N THR B 247 -17.22 15.94 -30.19
CA THR B 247 -15.80 15.51 -30.29
C THR B 247 -15.19 15.56 -28.89
N ILE B 248 -14.32 14.61 -28.56
CA ILE B 248 -13.67 14.54 -27.22
C ILE B 248 -12.85 15.82 -26.98
N GLU B 249 -12.23 16.36 -28.04
CA GLU B 249 -11.37 17.58 -27.98
C GLU B 249 -12.15 18.72 -27.35
N ASP B 250 -13.40 18.92 -27.79
CA ASP B 250 -14.29 20.04 -27.33
C ASP B 250 -14.54 19.94 -25.82
N TYR B 251 -14.32 18.76 -25.21
CA TYR B 251 -14.77 18.46 -23.83
C TYR B 251 -13.59 18.15 -22.89
N ILE B 252 -12.38 17.88 -23.42
CA ILE B 252 -11.15 17.68 -22.60
C ILE B 252 -11.02 18.87 -21.66
N ASP B 253 -10.84 18.62 -20.35
CA ASP B 253 -10.71 19.65 -19.29
C ASP B 253 -9.62 20.66 -19.70
N LYS B 254 -9.97 21.95 -19.75
CA LYS B 254 -9.07 23.07 -20.15
C LYS B 254 -8.16 23.44 -18.98
N LYS B 255 -8.53 23.05 -17.76
CA LYS B 255 -7.74 23.34 -16.53
C LYS B 255 -6.53 22.39 -16.45
N MET B 256 -5.86 22.13 -17.56
CA MET B 256 -4.57 21.37 -17.60
C MET B 256 -3.81 21.73 -18.88
N ASN B 257 -2.48 21.56 -18.86
CA ASN B 257 -1.56 21.97 -19.97
C ASN B 257 -0.71 20.78 -20.45
N ASP B 258 -0.76 19.63 -19.77
CA ASP B 258 0.12 18.44 -20.03
C ASP B 258 -0.72 17.29 -20.60
N ALA B 259 -1.86 17.59 -21.24
CA ALA B 259 -2.82 16.59 -21.76
C ALA B 259 -2.50 16.21 -23.21
N ASP B 260 -1.50 15.36 -23.42
CA ASP B 260 -1.19 14.77 -24.76
C ASP B 260 -2.49 14.18 -25.33
N SER B 261 -2.82 14.48 -26.59
CA SER B 261 -4.09 14.07 -27.24
C SER B 261 -4.20 12.54 -27.31
N THR B 262 -3.07 11.84 -27.44
CA THR B 262 -3.00 10.37 -27.63
C THR B 262 -3.27 9.66 -26.30
N SER B 263 -2.68 10.13 -25.20
CA SER B 263 -2.89 9.60 -23.82
C SER B 263 -4.36 9.83 -23.42
N VAL B 264 -4.90 11.02 -23.71
CA VAL B 264 -6.33 11.34 -23.45
C VAL B 264 -7.19 10.39 -24.29
N GLU B 265 -7.01 10.42 -25.61
CA GLU B 265 -7.78 9.56 -26.56
C GLU B 265 -7.80 8.14 -26.00
N ALA B 266 -6.63 7.61 -25.62
CA ALA B 266 -6.45 6.25 -25.06
C ALA B 266 -7.31 6.05 -23.80
N MET B 267 -7.35 7.02 -22.87
CA MET B 267 -8.19 6.90 -21.65
C MET B 267 -9.67 6.94 -22.05
N TYR B 268 -10.06 7.77 -23.03
CA TYR B 268 -11.46 7.88 -23.50
C TYR B 268 -11.91 6.53 -24.08
N SER B 269 -11.03 5.86 -24.81
CA SER B 269 -11.28 4.51 -25.39
C SER B 269 -11.69 3.56 -24.28
N VAL B 270 -10.88 3.46 -23.23
CA VAL B 270 -11.16 2.63 -22.01
C VAL B 270 -12.54 3.02 -21.46
N ALA B 271 -12.82 4.32 -21.38
CA ALA B 271 -14.09 4.87 -20.84
C ALA B 271 -15.27 4.46 -21.75
N SER B 272 -15.09 4.52 -23.07
CA SER B 272 -16.11 4.15 -24.08
C SER B 272 -16.41 2.65 -23.97
N GLN B 273 -15.36 1.82 -23.94
CA GLN B 273 -15.48 0.35 -23.73
C GLN B 273 -16.23 0.07 -22.43
N CYS B 274 -15.87 0.75 -21.34
CA CYS B 274 -16.49 0.61 -20.00
C CYS B 274 -17.98 0.93 -20.06
N LEU B 275 -18.38 1.88 -20.90
CA LEU B 275 -19.77 2.44 -20.92
C LEU B 275 -20.67 1.70 -21.92
N HIS B 276 -20.17 0.75 -22.73
CA HIS B 276 -21.00 -0.15 -23.57
C HIS B 276 -22.24 -0.57 -22.76
N GLU B 277 -23.44 -0.31 -23.28
CA GLU B 277 -24.67 -0.44 -22.46
C GLU B 277 -25.05 -1.91 -22.26
N LYS B 278 -24.59 -2.80 -23.13
CA LYS B 278 -24.78 -4.27 -22.99
C LYS B 278 -23.72 -4.80 -22.02
N LYS B 279 -24.11 -5.11 -20.78
CA LYS B 279 -23.22 -5.57 -19.68
C LYS B 279 -22.08 -6.44 -20.23
N ASN B 280 -22.39 -7.36 -21.14
CA ASN B 280 -21.48 -8.43 -21.62
C ASN B 280 -20.42 -7.85 -22.56
N LYS B 281 -20.68 -6.68 -23.16
CA LYS B 281 -19.73 -6.00 -24.09
C LYS B 281 -18.61 -5.33 -23.29
N ARG B 282 -18.89 -4.93 -22.04
CA ARG B 282 -17.94 -4.16 -21.20
C ARG B 282 -16.76 -5.05 -20.83
N PRO B 283 -15.51 -4.53 -20.85
CA PRO B 283 -14.36 -5.33 -20.42
C PRO B 283 -14.42 -5.60 -18.91
N ASP B 284 -13.67 -6.60 -18.44
CA ASP B 284 -13.49 -6.90 -16.99
C ASP B 284 -12.44 -5.94 -16.44
N ILE B 285 -12.34 -5.81 -15.12
CA ILE B 285 -11.46 -4.80 -14.47
C ILE B 285 -10.01 -5.11 -14.83
N LYS B 286 -9.67 -6.39 -14.97
CA LYS B 286 -8.31 -6.86 -15.38
C LYS B 286 -7.96 -6.22 -16.72
N LYS B 287 -8.87 -6.29 -17.71
CA LYS B 287 -8.67 -5.69 -19.06
C LYS B 287 -8.53 -4.17 -18.91
N VAL B 288 -9.46 -3.52 -18.20
CA VAL B 288 -9.46 -2.04 -17.97
C VAL B 288 -8.09 -1.64 -17.40
N GLN B 289 -7.65 -2.36 -16.37
CA GLN B 289 -6.35 -2.15 -15.68
C GLN B 289 -5.21 -2.12 -16.71
N GLN B 290 -5.17 -3.11 -17.62
CA GLN B 290 -4.11 -3.29 -18.65
C GLN B 290 -4.09 -2.10 -19.62
N LEU B 291 -5.25 -1.75 -20.18
CA LEU B 291 -5.39 -0.67 -21.18
C LEU B 291 -4.81 0.63 -20.60
N LEU B 292 -5.10 0.93 -19.33
CA LEU B 292 -4.63 2.16 -18.63
C LEU B 292 -3.10 2.09 -18.44
N GLN B 293 -2.53 0.88 -18.32
CA GLN B 293 -1.06 0.66 -18.16
C GLN B 293 -0.38 0.92 -19.51
N GLU B 294 -0.95 0.43 -20.61
CA GLU B 294 -0.47 0.66 -22.00
C GLU B 294 -0.56 2.15 -22.34
N MET B 295 -1.69 2.78 -22.01
CA MET B 295 -2.00 4.22 -22.23
C MET B 295 -0.81 5.09 -21.80
N THR B 296 -0.19 4.78 -20.65
CA THR B 296 1.08 5.41 -20.17
C THR B 296 2.26 4.55 -20.63
N1 R6R C . 8.40 1.62 -6.92
C5 R6R C . 8.61 3.48 -8.51
C6 R6R C . 8.41 1.98 -8.36
C7 R6R C . 7.31 5.46 -8.09
C10 R6R C . 6.52 7.61 -6.96
C13 R6R C . 3.99 6.55 -6.47
C15 R6R C . 9.10 0.56 -6.53
C20 R6R C . 10.64 -3.50 -6.41
C21 R6R C . 10.58 -4.84 -6.00
C22 R6R C . 11.76 -5.47 -5.57
C24 R6R C . 13.01 -3.44 -5.92
C26 R6R C . 10.95 -7.69 -5.44
C11 R6R C . 5.56 8.38 -6.31
C12 R6R C . 4.29 7.85 -6.07
C14 R6R C . 4.95 5.79 -7.13
C9 R6R C . 6.23 6.30 -7.37
O8 R6R C . 8.01 5.97 -8.97
N4 R6R C . 7.54 4.18 -7.77
C3 R6R C . 6.76 3.47 -6.70
C2 R6R C . 7.62 2.45 -5.95
O28 R6R C . 9.15 0.22 -5.35
C16 R6R C . 9.88 -0.23 -7.60
N17 R6R C . 10.42 -1.48 -7.07
N18 R6R C . 11.61 -1.58 -6.79
C27 R6R C . 9.75 -2.62 -6.87
C19 R6R C . 11.84 -2.81 -6.36
C23 R6R C . 12.96 -4.76 -5.51
N25 R6R C . 11.84 -6.74 -5.16
O29 R6R C . 9.90 -7.55 -6.05
C31 R6R C . 11.34 -9.03 -4.83
C30 R6R C . 12.69 -9.35 -4.73
C35 R6R C . 10.37 -9.90 -4.38
C34 R6R C . 10.76 -11.12 -3.82
C33 R6R C . 12.10 -11.44 -3.71
C32 R6R C . 13.07 -10.56 -4.16
N36 R6R C . 14.37 -10.86 -4.09
O38 R6R C . 15.36 -9.92 -4.46
O37 R6R C . 14.76 -12.17 -3.71
N1 R6R D . -9.91 19.99 1.88
C5 R6R D . -9.07 21.98 0.74
C6 R6R D . -10.01 20.79 0.64
C7 R6R D . -7.96 23.37 2.39
C10 R6R D . -5.88 23.07 0.98
C13 R6R D . -6.55 25.30 -0.57
C15 R6R D . -9.51 18.73 1.85
C20 R6R D . -10.99 14.92 3.59
C21 R6R D . -11.13 13.57 3.89
C22 R6R D . -12.39 12.96 3.76
C24 R6R D . -13.31 15.08 2.99
C26 R6R D . -11.63 10.90 4.66
C11 R6R D . -5.06 23.47 -0.08
C12 R6R D . -5.39 24.58 -0.85
C14 R6R D . -7.37 24.90 0.49
C9 R6R D . -7.03 23.79 1.25
O8 R6R D . -7.82 23.83 3.53
N4 R6R D . -8.93 22.49 2.14
C3 R6R D . -9.87 22.10 3.22
C2 R6R D . -10.25 20.61 3.18
O28 R6R D . -9.22 18.14 0.82
C16 R6R D . -9.45 18.03 3.18
N17 R6R D . -10.38 16.90 3.23
N18 R6R D . -11.58 16.92 2.95
C27 R6R D . -9.95 15.72 3.64
C19 R6R D . -12.06 15.68 3.14
C23 R6R D . -13.47 13.73 3.30
N25 R6R D . -12.56 11.66 4.02
O29 R6R D . -10.51 11.28 5.05
C31 R6R D . -11.99 9.44 4.71
C30 R6R D . -13.30 9.01 4.65
C35 R6R D . -10.95 8.53 4.77
C34 R6R D . -11.22 7.17 4.78
C33 R6R D . -12.52 6.73 4.73
C32 R6R D . -13.56 7.65 4.67
N36 R6R D . -14.80 7.21 4.61
O38 R6R D . -15.84 7.96 5.20
O37 R6R D . -15.10 6.01 3.88
#